data_6S9Y
#
_entry.id   6S9Y
#
_cell.length_a   38.925
_cell.length_b   81.268
_cell.length_c   39.287
_cell.angle_alpha   90.000
_cell.angle_beta   92.750
_cell.angle_gamma   90.000
#
_symmetry.space_group_name_H-M   'P 1 21 1'
#
loop_
_entity.id
_entity.type
_entity.pdbx_description
1 polymer 'Peroxin 14'
2 non-polymer DI(HYDROXYETHYL)ETHER
3 water water
#
_entity_poly.entity_id   1
_entity_poly.type   'polypeptide(L)'
_entity_poly.pdbx_seq_one_letter_code
;EHTHSEREKRVSNAVEFLLDSRVRRTPTSSKVHFLKSKGLSAEEICEAFTKVGQPKTLNEIKRILS
;
_entity_poly.pdbx_strand_id   A,B,C,D
#
loop_
_chem_comp.id
_chem_comp.type
_chem_comp.name
_chem_comp.formula
PEG non-polymer DI(HYDROXYETHYL)ETHER 'C4 H10 O3'
#
# COMPACT_ATOMS: atom_id res chain seq x y z
N SER A 5 -6.46 4.49 -5.55
CA SER A 5 -5.06 4.09 -5.43
C SER A 5 -4.70 3.03 -6.48
N GLU A 6 -3.39 2.84 -6.67
CA GLU A 6 -2.92 1.81 -7.59
C GLU A 6 -3.37 0.43 -7.15
N ARG A 7 -3.26 0.16 -5.85
CA ARG A 7 -3.75 -1.10 -5.30
C ARG A 7 -5.21 -1.32 -5.65
N GLU A 8 -6.05 -0.31 -5.46
CA GLU A 8 -7.47 -0.54 -5.67
C GLU A 8 -7.85 -0.61 -7.14
N LYS A 9 -7.08 0.01 -8.03
CA LYS A 9 -7.26 -0.25 -9.46
C LYS A 9 -6.97 -1.71 -9.80
N ARG A 10 -5.90 -2.28 -9.23
CA ARG A 10 -5.63 -3.70 -9.45
C ARG A 10 -6.73 -4.57 -8.86
N VAL A 11 -7.17 -4.26 -7.65
CA VAL A 11 -8.17 -5.11 -7.02
C VAL A 11 -9.50 -5.02 -7.76
N SER A 12 -9.86 -3.82 -8.22
CA SER A 12 -11.11 -3.68 -8.98
C SER A 12 -11.07 -4.50 -10.25
N ASN A 13 -9.96 -4.42 -11.00
CA ASN A 13 -9.80 -5.28 -12.17
C ASN A 13 -9.90 -6.75 -11.80
N ALA A 14 -9.28 -7.14 -10.67
CA ALA A 14 -9.34 -8.54 -10.24
C ALA A 14 -10.76 -8.97 -9.91
N VAL A 15 -11.55 -8.09 -9.29
CA VAL A 15 -12.93 -8.44 -8.98
C VAL A 15 -13.73 -8.67 -10.25
N GLU A 16 -13.50 -7.83 -11.27
CA GLU A 16 -14.17 -8.05 -12.56
C GLU A 16 -13.82 -9.41 -13.16
N PHE A 17 -12.55 -9.78 -13.09
CA PHE A 17 -12.10 -11.10 -13.55
C PHE A 17 -12.80 -12.23 -12.77
N LEU A 18 -12.80 -12.14 -11.44
CA LEU A 18 -13.37 -13.22 -10.63
C LEU A 18 -14.89 -13.33 -10.78
N LEU A 19 -15.57 -12.22 -11.12
CA LEU A 19 -17.01 -12.26 -11.32
C LEU A 19 -17.42 -12.75 -12.69
N ASP A 20 -16.48 -12.86 -13.62
CA ASP A 20 -16.80 -13.28 -14.98
C ASP A 20 -17.50 -14.65 -14.97
N SER A 21 -18.57 -14.76 -15.78
CA SER A 21 -19.41 -15.96 -15.77
C SER A 21 -18.62 -17.22 -16.10
N ARG A 22 -17.62 -17.11 -16.97
CA ARG A 22 -16.79 -18.27 -17.29
C ARG A 22 -15.62 -18.43 -16.32
N VAL A 23 -14.94 -17.33 -15.97
CA VAL A 23 -13.79 -17.43 -15.08
C VAL A 23 -14.19 -18.05 -13.74
N ARG A 24 -15.35 -17.65 -13.21
CA ARG A 24 -15.75 -18.10 -11.89
C ARG A 24 -15.80 -19.63 -11.78
N ARG A 25 -15.96 -20.34 -12.90
CA ARG A 25 -16.03 -21.80 -12.88
C ARG A 25 -14.68 -22.47 -13.12
N THR A 26 -13.60 -21.71 -13.27
CA THR A 26 -12.27 -22.28 -13.47
C THR A 26 -11.62 -22.53 -12.12
N PRO A 27 -10.53 -23.31 -12.09
CA PRO A 27 -9.95 -23.68 -10.79
C PRO A 27 -9.38 -22.50 -10.03
N THR A 28 -9.44 -22.59 -8.69
CA THR A 28 -8.87 -21.54 -7.86
C THR A 28 -7.42 -21.29 -8.19
N SER A 29 -6.64 -22.37 -8.35
CA SER A 29 -5.21 -22.19 -8.60
C SER A 29 -4.97 -21.42 -9.88
N SER A 30 -5.78 -21.69 -10.92
CA SER A 30 -5.66 -20.93 -12.17
C SER A 30 -5.95 -19.45 -11.93
N LYS A 31 -7.01 -19.16 -11.19
CA LYS A 31 -7.37 -17.76 -10.93
C LYS A 31 -6.27 -17.05 -10.15
N VAL A 32 -5.70 -17.73 -9.15
CA VAL A 32 -4.69 -17.11 -8.29
C VAL A 32 -3.42 -16.83 -9.08
N HIS A 33 -2.95 -17.81 -9.84
CA HIS A 33 -1.76 -17.60 -10.65
C HIS A 33 -2.00 -16.52 -11.72
N PHE A 34 -3.20 -16.49 -12.30
CA PHE A 34 -3.53 -15.43 -13.26
C PHE A 34 -3.36 -14.07 -12.62
N LEU A 35 -3.95 -13.90 -11.43
CA LEU A 35 -3.92 -12.59 -10.79
C LEU A 35 -2.51 -12.20 -10.38
N LYS A 36 -1.72 -13.16 -9.89
CA LYS A 36 -0.33 -12.86 -9.56
C LYS A 36 0.44 -12.41 -10.78
N SER A 37 0.25 -13.09 -11.92
CA SER A 37 0.96 -12.72 -13.15
C SER A 37 0.53 -11.36 -13.68
N LYS A 38 -0.67 -10.90 -13.33
CA LYS A 38 -1.07 -9.53 -13.69
C LYS A 38 -0.53 -8.49 -12.72
N GLY A 39 0.21 -8.91 -11.69
CA GLY A 39 0.87 -7.97 -10.80
C GLY A 39 0.24 -7.78 -9.43
N LEU A 40 -0.81 -8.52 -9.09
CA LEU A 40 -1.34 -8.43 -7.74
C LEU A 40 -0.40 -9.10 -6.75
N SER A 41 -0.26 -8.48 -5.58
CA SER A 41 0.40 -9.14 -4.45
C SER A 41 -0.51 -10.23 -3.87
N ALA A 42 0.08 -11.12 -3.07
CA ALA A 42 -0.76 -12.12 -2.41
C ALA A 42 -1.85 -11.46 -1.58
N GLU A 43 -1.50 -10.36 -0.89
CA GLU A 43 -2.48 -9.68 -0.06
C GLU A 43 -3.61 -9.11 -0.92
N GLU A 44 -3.28 -8.60 -2.11
CA GLU A 44 -4.30 -8.06 -3.00
C GLU A 44 -5.19 -9.15 -3.55
N ILE A 45 -4.62 -10.33 -3.82
CA ILE A 45 -5.43 -11.47 -4.25
C ILE A 45 -6.41 -11.86 -3.15
N CYS A 46 -5.97 -11.86 -1.87
CA CYS A 46 -6.88 -12.11 -0.76
C CYS A 46 -8.02 -11.10 -0.74
N GLU A 47 -7.71 -9.83 -0.95
CA GLU A 47 -8.75 -8.81 -0.95
C GLU A 47 -9.76 -9.02 -2.08
N ALA A 48 -9.28 -9.34 -3.27
CA ALA A 48 -10.18 -9.57 -4.40
C ALA A 48 -11.11 -10.75 -4.13
N PHE A 49 -10.57 -11.86 -3.62
CA PHE A 49 -11.41 -13.02 -3.33
C PHE A 49 -12.41 -12.74 -2.22
N THR A 50 -11.99 -12.00 -1.18
CA THR A 50 -12.92 -11.61 -0.14
C THR A 50 -14.04 -10.76 -0.70
N LYS A 51 -13.69 -9.82 -1.59
CA LYS A 51 -14.69 -8.91 -2.15
C LYS A 51 -15.71 -9.60 -3.05
N VAL A 52 -15.43 -10.80 -3.57
CA VAL A 52 -16.45 -11.53 -4.33
C VAL A 52 -17.10 -12.62 -3.47
N GLY A 53 -16.87 -12.61 -2.17
CA GLY A 53 -17.57 -13.52 -1.28
C GLY A 53 -16.96 -14.88 -1.11
N GLN A 54 -15.72 -15.08 -1.52
CA GLN A 54 -15.03 -16.36 -1.40
C GLN A 54 -13.66 -16.13 -0.78
N PRO A 55 -13.62 -15.74 0.50
CA PRO A 55 -12.33 -15.38 1.10
C PRO A 55 -11.34 -16.53 1.09
N LYS A 56 -10.09 -16.21 0.77
CA LYS A 56 -8.98 -17.16 0.83
C LYS A 56 -7.98 -16.61 1.83
N THR A 57 -7.39 -17.51 2.62
CA THR A 57 -6.43 -17.00 3.60
C THR A 57 -5.12 -16.63 2.91
N LEU A 58 -4.36 -15.75 3.56
CA LEU A 58 -3.07 -15.36 2.99
C LEU A 58 -2.17 -16.57 2.82
N ASN A 59 -2.15 -17.48 3.81
CA ASN A 59 -1.25 -18.63 3.71
C ASN A 59 -1.68 -19.61 2.62
N GLU A 60 -2.98 -19.70 2.36
N GLU A 60 -2.98 -19.70 2.36
CA GLU A 60 -3.45 -20.53 1.24
CA GLU A 60 -3.45 -20.52 1.25
C GLU A 60 -2.93 -19.98 -0.09
C GLU A 60 -2.94 -19.98 -0.09
N ILE A 61 -3.02 -18.66 -0.27
CA ILE A 61 -2.50 -18.04 -1.49
C ILE A 61 -0.99 -18.23 -1.59
N LYS A 62 -0.29 -18.07 -0.47
CA LYS A 62 1.15 -18.28 -0.46
C LYS A 62 1.51 -19.71 -0.86
N ARG A 63 0.74 -20.69 -0.38
CA ARG A 63 0.98 -22.07 -0.78
C ARG A 63 0.74 -22.27 -2.26
N ILE A 64 -0.34 -21.72 -2.79
CA ILE A 64 -0.65 -21.91 -4.21
C ILE A 64 0.46 -21.35 -5.08
N LEU A 65 1.02 -20.21 -4.68
CA LEU A 65 2.05 -19.51 -5.42
C LEU A 65 3.47 -20.05 -5.20
N SER A 66 3.66 -20.94 -4.23
CA SER A 66 5.01 -21.47 -3.95
C SER A 66 5.40 -22.56 -4.96
N HIS B 4 -2.32 -2.10 -23.74
CA HIS B 4 -1.10 -2.10 -22.94
C HIS B 4 -1.22 -3.09 -21.78
N SER B 5 -0.17 -3.89 -21.59
CA SER B 5 -0.15 -4.83 -20.49
C SER B 5 -0.25 -4.10 -19.16
N GLU B 6 -0.62 -4.86 -18.12
CA GLU B 6 -0.65 -4.29 -16.78
C GLU B 6 0.72 -3.82 -16.35
N ARG B 7 1.77 -4.58 -16.71
CA ARG B 7 3.13 -4.15 -16.45
C ARG B 7 3.41 -2.76 -17.03
N GLU B 8 3.05 -2.55 -18.29
CA GLU B 8 3.40 -1.29 -18.91
C GLU B 8 2.54 -0.14 -18.39
N LYS B 9 1.34 -0.42 -17.88
CA LYS B 9 0.59 0.60 -17.17
C LYS B 9 1.31 1.03 -15.90
N ARG B 10 1.84 0.05 -15.15
CA ARG B 10 2.60 0.39 -13.95
C ARG B 10 3.87 1.15 -14.31
N VAL B 11 4.59 0.70 -15.35
CA VAL B 11 5.84 1.35 -15.70
C VAL B 11 5.58 2.77 -16.21
N SER B 12 4.50 2.96 -16.97
CA SER B 12 4.16 4.28 -17.48
C SER B 12 3.90 5.25 -16.33
N ASN B 13 3.08 4.82 -15.37
CA ASN B 13 2.87 5.61 -14.17
C ASN B 13 4.18 5.90 -13.46
N ALA B 14 5.07 4.91 -13.37
CA ALA B 14 6.34 5.10 -12.68
C ALA B 14 7.21 6.11 -13.41
N VAL B 15 7.21 6.08 -14.74
CA VAL B 15 8.00 7.06 -15.50
C VAL B 15 7.47 8.46 -15.26
N GLU B 16 6.15 8.62 -15.18
CA GLU B 16 5.59 9.93 -14.85
C GLU B 16 6.07 10.41 -13.49
N PHE B 17 6.10 9.50 -12.51
CA PHE B 17 6.62 9.82 -11.18
C PHE B 17 8.09 10.24 -11.26
N LEU B 18 8.91 9.45 -11.95
CA LEU B 18 10.35 9.71 -11.98
C LEU B 18 10.69 10.99 -12.73
N LEU B 19 9.86 11.43 -13.68
CA LEU B 19 10.10 12.65 -14.43
C LEU B 19 9.61 13.89 -13.70
N ASP B 20 8.87 13.71 -12.60
CA ASP B 20 8.36 14.85 -11.86
C ASP B 20 9.52 15.74 -11.41
N SER B 21 9.36 17.05 -11.61
N SER B 21 9.36 17.05 -11.59
CA SER B 21 10.46 17.97 -11.33
CA SER B 21 10.46 17.97 -11.33
C SER B 21 10.89 17.93 -9.86
C SER B 21 10.88 17.96 -9.87
N ARG B 22 9.94 17.69 -8.95
CA ARG B 22 10.29 17.56 -7.54
C ARG B 22 10.83 16.18 -7.23
N VAL B 23 10.19 15.13 -7.75
CA VAL B 23 10.63 13.76 -7.46
C VAL B 23 12.06 13.54 -7.95
N ARG B 24 12.39 14.08 -9.12
CA ARG B 24 13.70 13.82 -9.71
C ARG B 24 14.83 14.18 -8.75
N ARG B 25 14.59 15.13 -7.85
CA ARG B 25 15.57 15.63 -6.89
C ARG B 25 15.49 14.92 -5.54
N THR B 26 14.72 13.86 -5.43
CA THR B 26 14.71 13.06 -4.22
C THR B 26 15.69 11.89 -4.36
N PRO B 27 16.04 11.23 -3.26
CA PRO B 27 17.04 10.17 -3.33
C PRO B 27 16.54 8.93 -4.07
N THR B 28 17.50 8.21 -4.68
CA THR B 28 17.15 6.97 -5.35
C THR B 28 16.40 6.03 -4.41
N SER B 29 16.83 5.93 -3.15
CA SER B 29 16.20 4.98 -2.24
C SER B 29 14.73 5.31 -2.03
N SER B 30 14.43 6.60 -1.86
CA SER B 30 13.04 7.04 -1.70
C SER B 30 12.22 6.69 -2.93
N LYS B 31 12.78 6.91 -4.11
CA LYS B 31 12.06 6.63 -5.36
C LYS B 31 11.78 5.14 -5.51
N VAL B 32 12.77 4.30 -5.19
CA VAL B 32 12.63 2.86 -5.34
C VAL B 32 11.58 2.32 -4.37
N HIS B 33 11.65 2.73 -3.10
CA HIS B 33 10.66 2.30 -2.13
C HIS B 33 9.26 2.80 -2.50
N PHE B 34 9.15 4.04 -2.98
CA PHE B 34 7.85 4.53 -3.43
C PHE B 34 7.29 3.64 -4.53
N LEU B 35 8.11 3.33 -5.53
CA LEU B 35 7.58 2.55 -6.64
C LEU B 35 7.21 1.15 -6.19
N LYS B 36 8.02 0.54 -5.29
CA LYS B 36 7.67 -0.77 -4.76
C LYS B 36 6.34 -0.72 -4.04
N SER B 37 6.11 0.32 -3.24
CA SER B 37 4.87 0.46 -2.48
C SER B 37 3.65 0.64 -3.39
N LYS B 38 3.85 1.14 -4.60
CA LYS B 38 2.78 1.25 -5.60
C LYS B 38 2.58 -0.03 -6.40
N GLY B 39 3.36 -1.08 -6.15
CA GLY B 39 3.13 -2.37 -6.76
C GLY B 39 4.08 -2.77 -7.87
N LEU B 40 5.10 -1.99 -8.17
CA LEU B 40 6.08 -2.41 -9.16
C LEU B 40 6.97 -3.49 -8.58
N SER B 41 7.27 -4.50 -9.40
CA SER B 41 8.31 -5.44 -9.04
C SER B 41 9.68 -4.79 -9.21
N ALA B 42 10.71 -5.44 -8.65
CA ALA B 42 12.07 -4.96 -8.83
C ALA B 42 12.45 -4.84 -10.31
N GLU B 43 12.05 -5.82 -11.14
CA GLU B 43 12.37 -5.75 -12.56
C GLU B 43 11.68 -4.56 -13.23
N GLU B 44 10.43 -4.29 -12.84
CA GLU B 44 9.71 -3.15 -13.41
C GLU B 44 10.32 -1.82 -12.99
N ILE B 45 10.83 -1.74 -11.77
CA ILE B 45 11.53 -0.55 -11.33
C ILE B 45 12.79 -0.32 -12.16
N CYS B 46 13.55 -1.40 -12.46
CA CYS B 46 14.68 -1.27 -13.36
C CYS B 46 14.27 -0.68 -14.70
N GLU B 47 13.16 -1.18 -15.24
CA GLU B 47 12.69 -0.72 -16.55
C GLU B 47 12.35 0.76 -16.52
N ALA B 48 11.64 1.20 -15.47
CA ALA B 48 11.26 2.61 -15.36
C ALA B 48 12.50 3.50 -15.29
N PHE B 49 13.48 3.10 -14.47
CA PHE B 49 14.69 3.91 -14.36
C PHE B 49 15.46 3.95 -15.67
N THR B 50 15.52 2.83 -16.39
CA THR B 50 16.17 2.83 -17.70
C THR B 50 15.47 3.79 -18.64
N LYS B 51 14.14 3.82 -18.62
CA LYS B 51 13.37 4.66 -19.52
C LYS B 51 13.55 6.14 -19.25
N VAL B 52 13.98 6.54 -18.06
CA VAL B 52 14.28 7.94 -17.79
C VAL B 52 15.77 8.23 -17.86
N GLY B 53 16.55 7.30 -18.43
CA GLY B 53 17.96 7.53 -18.66
C GLY B 53 18.89 7.22 -17.51
N GLN B 54 18.43 6.49 -16.50
CA GLN B 54 19.24 6.18 -15.32
C GLN B 54 19.19 4.68 -15.04
N PRO B 55 19.83 3.87 -15.88
CA PRO B 55 19.70 2.41 -15.76
C PRO B 55 20.16 1.88 -14.40
N LYS B 56 19.39 0.95 -13.85
CA LYS B 56 19.69 0.27 -12.60
C LYS B 56 19.73 -1.24 -12.80
N THR B 57 20.64 -1.93 -12.09
CA THR B 57 20.64 -3.38 -12.17
C THR B 57 19.58 -3.96 -11.23
N LEU B 58 19.16 -5.19 -11.54
CA LEU B 58 18.18 -5.84 -10.68
C LEU B 58 18.72 -6.00 -9.27
N ASN B 59 19.98 -6.40 -9.14
CA ASN B 59 20.53 -6.63 -7.82
C ASN B 59 20.73 -5.35 -7.01
N GLU B 60 20.97 -4.22 -7.68
CA GLU B 60 21.04 -2.99 -6.89
C GLU B 60 19.65 -2.60 -6.39
N ILE B 61 18.60 -2.86 -7.16
CA ILE B 61 17.24 -2.62 -6.65
C ILE B 61 16.93 -3.56 -5.49
N LYS B 62 17.29 -4.84 -5.62
CA LYS B 62 17.09 -5.79 -4.53
C LYS B 62 17.84 -5.36 -3.28
N ARG B 63 19.06 -4.83 -3.44
CA ARG B 63 19.80 -4.36 -2.27
C ARG B 63 19.08 -3.19 -1.61
N ILE B 64 18.62 -2.23 -2.41
CA ILE B 64 17.96 -1.06 -1.85
C ILE B 64 16.71 -1.48 -1.07
N LEU B 65 16.00 -2.48 -1.57
CA LEU B 65 14.77 -2.91 -0.92
C LEU B 65 14.99 -3.83 0.28
N SER B 66 16.19 -4.36 0.46
CA SER B 66 16.44 -5.26 1.57
C SER B 66 16.61 -4.51 2.89
N SER C 5 10.82 -4.31 6.40
CA SER C 5 12.14 -3.87 6.81
C SER C 5 12.05 -2.82 7.91
N GLU C 6 13.17 -2.63 8.62
CA GLU C 6 13.20 -1.60 9.67
C GLU C 6 12.97 -0.22 9.07
N ARG C 7 13.57 0.07 7.91
CA ARG C 7 13.34 1.36 7.27
CA ARG C 7 13.35 1.36 7.27
C ARG C 7 11.86 1.58 6.99
N GLU C 8 11.17 0.55 6.50
CA GLU C 8 9.78 0.73 6.11
C GLU C 8 8.84 0.78 7.31
N LYS C 9 9.23 0.17 8.43
CA LYS C 9 8.48 0.38 9.66
C LYS C 9 8.56 1.83 10.11
N ARG C 10 9.76 2.43 10.03
CA ARG C 10 9.91 3.84 10.35
C ARG C 10 9.09 4.71 9.41
N VAL C 11 9.17 4.44 8.10
CA VAL C 11 8.49 5.28 7.13
C VAL C 11 6.98 5.17 7.29
N SER C 12 6.49 3.96 7.57
CA SER C 12 5.05 3.78 7.77
C SER C 12 4.56 4.61 8.95
N ASN C 13 5.27 4.56 10.09
CA ASN C 13 4.93 5.41 11.22
C ASN C 13 4.96 6.88 10.85
N ALA C 14 5.97 7.29 10.08
CA ALA C 14 6.10 8.69 9.69
C ALA C 14 4.93 9.14 8.81
N VAL C 15 4.47 8.26 7.90
CA VAL C 15 3.32 8.61 7.07
C VAL C 15 2.08 8.82 7.94
N GLU C 16 1.89 7.97 8.95
CA GLU C 16 0.78 8.17 9.88
C GLU C 16 0.88 9.51 10.59
N PHE C 17 2.09 9.89 11.03
CA PHE C 17 2.32 11.20 11.64
C PHE C 17 1.97 12.32 10.66
N LEU C 18 2.46 12.23 9.42
CA LEU C 18 2.24 13.32 8.46
C LEU C 18 0.78 13.43 8.05
N LEU C 19 0.01 12.34 8.11
CA LEU C 19 -1.41 12.36 7.75
C LEU C 19 -2.29 12.84 8.89
N ASP C 20 -1.75 12.94 10.10
CA ASP C 20 -2.55 13.36 11.25
C ASP C 20 -3.16 14.74 11.01
N SER C 21 -4.45 14.87 11.31
CA SER C 21 -5.19 16.10 11.01
C SER C 21 -4.61 17.30 11.74
N ARG C 22 -4.01 17.09 12.90
CA ARG C 22 -3.37 18.21 13.61
C ARG C 22 -1.97 18.46 13.08
N VAL C 23 -1.18 17.40 12.90
CA VAL C 23 0.19 17.56 12.44
C VAL C 23 0.24 18.21 11.06
N ARG C 24 -0.69 17.83 10.17
CA ARG C 24 -0.63 18.27 8.78
C ARG C 24 -0.57 19.80 8.65
N ARG C 25 -1.11 20.53 9.62
CA ARG C 25 -1.15 21.98 9.55
C ARG C 25 0.04 22.65 10.22
N THR C 26 1.01 21.89 10.74
CA THR C 26 2.18 22.47 11.39
C THR C 26 3.26 22.75 10.35
N PRO C 27 4.28 23.54 10.71
CA PRO C 27 5.29 23.90 9.71
C PRO C 27 6.11 22.69 9.26
N THR C 28 6.59 22.76 8.01
CA THR C 28 7.44 21.71 7.47
C THR C 28 8.66 21.46 8.36
N SER C 29 9.29 22.52 8.87
CA SER C 29 10.50 22.35 9.68
C SER C 29 10.17 21.58 10.95
N SER C 30 9.03 21.87 11.58
CA SER C 30 8.61 21.12 12.75
C SER C 30 8.45 19.63 12.44
N LYS C 31 7.83 19.31 11.29
CA LYS C 31 7.62 17.92 10.92
C LYS C 31 8.95 17.20 10.68
N VAL C 32 9.86 17.86 9.97
CA VAL C 32 11.13 17.26 9.58
C VAL C 32 12.01 17.02 10.80
N HIS C 33 12.11 18.02 11.68
CA HIS C 33 12.89 17.85 12.92
C HIS C 33 12.29 16.77 13.81
N PHE C 34 10.95 16.70 13.90
CA PHE C 34 10.30 15.66 14.66
C PHE C 34 10.68 14.28 14.16
N LEU C 35 10.59 14.06 12.85
CA LEU C 35 10.86 12.75 12.29
C LEU C 35 12.34 12.37 12.46
N LYS C 36 13.23 13.34 12.27
CA LYS C 36 14.64 13.08 12.51
C LYS C 36 14.88 12.68 13.97
N SER C 37 14.20 13.35 14.90
CA SER C 37 14.39 13.02 16.31
C SER C 37 13.85 11.63 16.66
N LYS C 38 12.91 11.11 15.88
CA LYS C 38 12.41 9.75 16.02
C LYS C 38 13.27 8.72 15.30
N GLY C 39 14.33 9.15 14.63
CA GLY C 39 15.28 8.21 14.04
C GLY C 39 15.24 8.04 12.54
N LEU C 40 14.41 8.78 11.82
CA LEU C 40 14.45 8.70 10.36
C LEU C 40 15.67 9.42 9.84
N SER C 41 16.31 8.83 8.82
CA SER C 41 17.34 9.50 8.06
C SER C 41 16.69 10.55 7.14
N ALA C 42 17.53 11.46 6.63
CA ALA C 42 17.01 12.46 5.69
C ALA C 42 16.33 11.78 4.51
N GLU C 43 16.93 10.70 4.00
CA GLU C 43 16.33 10.03 2.85
C GLU C 43 14.99 9.40 3.21
N GLU C 44 14.86 8.86 4.43
CA GLU C 44 13.58 8.29 4.84
C GLU C 44 12.52 9.39 5.01
N ILE C 45 12.94 10.57 5.46
CA ILE C 45 12.00 11.70 5.57
C ILE C 45 11.50 12.09 4.19
N CYS C 46 12.40 12.11 3.20
CA CYS C 46 12.00 12.35 1.82
C CYS C 46 10.98 11.33 1.35
N GLU C 47 11.22 10.05 1.68
CA GLU C 47 10.29 9.00 1.27
C GLU C 47 8.92 9.20 1.91
N ALA C 48 8.87 9.55 3.19
CA ALA C 48 7.58 9.75 3.85
C ALA C 48 6.79 10.88 3.22
N PHE C 49 7.46 12.00 2.92
CA PHE C 49 6.76 13.12 2.31
C PHE C 49 6.29 12.77 0.91
N THR C 50 7.10 12.02 0.15
CA THR C 50 6.66 11.58 -1.16
C THR C 50 5.42 10.68 -1.06
N LYS C 51 5.41 9.77 -0.09
CA LYS C 51 4.31 8.82 0.06
C LYS C 51 2.99 9.46 0.49
N VAL C 52 3.01 10.67 1.06
CA VAL C 52 1.76 11.37 1.35
C VAL C 52 1.44 12.42 0.30
N GLY C 53 2.12 12.38 -0.85
CA GLY C 53 1.78 13.24 -1.96
C GLY C 53 2.36 14.63 -1.91
N GLN C 54 3.33 14.88 -1.04
CA GLN C 54 3.96 16.19 -0.91
C GLN C 54 5.46 16.01 -0.93
N PRO C 55 6.02 15.62 -2.08
CA PRO C 55 7.46 15.33 -2.12
C PRO C 55 8.28 16.55 -1.74
N LYS C 56 9.29 16.33 -0.92
CA LYS C 56 10.26 17.35 -0.60
C LYS C 56 11.59 16.86 -1.14
N THR C 57 12.37 17.79 -1.69
CA THR C 57 13.65 17.40 -2.28
C THR C 57 14.63 17.10 -1.16
N LEU C 58 15.65 16.30 -1.48
CA LEU C 58 16.67 16.01 -0.48
C LEU C 58 17.33 17.30 -0.02
N ASN C 59 17.55 18.24 -0.96
CA ASN C 59 18.19 19.49 -0.59
C ASN C 59 17.35 20.29 0.40
N GLU C 60 16.03 20.32 0.21
CA GLU C 60 15.19 21.04 1.17
C GLU C 60 15.26 20.41 2.56
N ILE C 61 15.26 19.07 2.62
CA ILE C 61 15.33 18.38 3.91
C ILE C 61 16.67 18.61 4.58
N LYS C 62 17.77 18.52 3.81
CA LYS C 62 19.10 18.76 4.37
C LYS C 62 19.25 20.18 4.90
N ARG C 63 18.71 21.17 4.18
CA ARG C 63 18.79 22.55 4.67
C ARG C 63 18.08 22.70 6.00
N ILE C 64 16.90 22.10 6.14
CA ILE C 64 16.13 22.22 7.38
C ILE C 64 16.93 21.66 8.56
N LEU C 65 17.63 20.56 8.34
CA LEU C 65 18.35 19.88 9.42
C LEU C 65 19.68 20.54 9.76
N SER C 66 20.12 21.53 8.98
CA SER C 66 21.40 22.18 9.24
C SER C 66 21.32 23.15 10.41
N HIS D 4 -27.07 5.29 16.54
CA HIS D 4 -26.31 4.25 17.21
C HIS D 4 -26.81 2.87 16.80
N SER D 5 -28.13 2.76 16.60
CA SER D 5 -28.73 1.48 16.27
C SER D 5 -28.26 0.98 14.91
N GLU D 6 -28.37 1.83 13.88
CA GLU D 6 -27.91 1.45 12.54
C GLU D 6 -26.41 1.17 12.51
N ARG D 7 -25.61 2.10 13.04
CA ARG D 7 -24.17 1.93 13.04
C ARG D 7 -23.77 0.62 13.71
N GLU D 8 -24.39 0.28 14.83
CA GLU D 8 -24.05 -0.96 15.52
C GLU D 8 -24.43 -2.19 14.71
N LYS D 9 -25.42 -2.08 13.82
CA LYS D 9 -25.70 -3.18 12.90
C LYS D 9 -24.56 -3.35 11.90
N ARG D 10 -24.06 -2.25 11.33
CA ARG D 10 -22.90 -2.34 10.45
C ARG D 10 -21.67 -2.84 11.19
N VAL D 11 -21.44 -2.33 12.41
CA VAL D 11 -20.26 -2.72 13.16
C VAL D 11 -20.35 -4.18 13.62
N SER D 12 -21.53 -4.62 14.06
CA SER D 12 -21.66 -6.03 14.48
C SER D 12 -21.46 -6.95 13.29
N ASN D 13 -22.06 -6.62 12.14
CA ASN D 13 -21.78 -7.38 10.92
C ASN D 13 -20.29 -7.35 10.60
N ALA D 14 -19.65 -6.20 10.76
CA ALA D 14 -18.21 -6.11 10.50
C ALA D 14 -17.44 -6.99 11.47
N VAL D 15 -17.87 -7.03 12.73
CA VAL D 15 -17.19 -7.88 13.72
C VAL D 15 -17.35 -9.35 13.35
N GLU D 16 -18.56 -9.76 12.94
CA GLU D 16 -18.76 -11.12 12.48
C GLU D 16 -17.91 -11.41 11.25
N PHE D 17 -17.80 -10.45 10.34
CA PHE D 17 -16.88 -10.61 9.21
C PHE D 17 -15.45 -10.81 9.71
N LEU D 18 -15.00 -9.94 10.62
CA LEU D 18 -13.62 -10.00 11.07
C LEU D 18 -13.32 -11.28 11.83
N LEU D 19 -14.33 -11.87 12.46
CA LEU D 19 -14.16 -13.10 13.24
C LEU D 19 -14.27 -14.36 12.40
N ASP D 20 -14.69 -14.25 11.13
CA ASP D 20 -14.81 -15.43 10.28
C ASP D 20 -13.49 -16.19 10.21
N SER D 21 -13.59 -17.52 10.21
CA SER D 21 -12.39 -18.35 10.32
C SER D 21 -11.47 -18.17 9.14
N ARG D 22 -12.00 -17.89 7.95
CA ARG D 22 -11.15 -17.57 6.82
C ARG D 22 -10.69 -16.12 6.88
N VAL D 23 -11.63 -15.20 7.14
CA VAL D 23 -11.30 -13.78 7.13
C VAL D 23 -10.24 -13.45 8.18
N ARG D 24 -10.34 -14.06 9.37
CA ARG D 24 -9.40 -13.74 10.43
C ARG D 24 -7.96 -13.96 9.97
N ARG D 25 -7.78 -14.87 9.02
CA ARG D 25 -6.48 -15.26 8.47
C ARG D 25 -6.11 -14.49 7.20
N THR D 26 -6.88 -13.45 6.83
CA THR D 26 -6.47 -12.58 5.74
C THR D 26 -5.78 -11.33 6.29
N PRO D 27 -5.06 -10.58 5.46
CA PRO D 27 -4.31 -9.43 5.97
C PRO D 27 -5.21 -8.27 6.42
N THR D 28 -4.68 -7.49 7.36
CA THR D 28 -5.39 -6.30 7.84
C THR D 28 -5.79 -5.38 6.69
N SER D 29 -4.88 -5.21 5.72
CA SER D 29 -5.17 -4.32 4.60
C SER D 29 -6.38 -4.78 3.82
N SER D 30 -6.47 -6.10 3.61
CA SER D 30 -7.61 -6.66 2.91
C SER D 30 -8.91 -6.42 3.66
N LYS D 31 -8.90 -6.63 4.98
CA LYS D 31 -10.10 -6.45 5.79
C LYS D 31 -10.52 -5.00 5.83
N VAL D 32 -9.56 -4.08 5.96
CA VAL D 32 -9.89 -2.66 6.03
C VAL D 32 -10.50 -2.20 4.71
N HIS D 33 -9.89 -2.58 3.59
CA HIS D 33 -10.43 -2.20 2.29
C HIS D 33 -11.82 -2.79 2.07
N PHE D 34 -12.02 -4.06 2.46
CA PHE D 34 -13.34 -4.65 2.33
C PHE D 34 -14.39 -3.86 3.10
N LEU D 35 -14.10 -3.55 4.37
CA LEU D 35 -15.10 -2.87 5.18
C LEU D 35 -15.39 -1.49 4.63
N LYS D 36 -14.36 -0.79 4.14
CA LYS D 36 -14.56 0.50 3.51
C LYS D 36 -15.46 0.39 2.29
N SER D 37 -15.26 -0.64 1.46
CA SER D 37 -16.09 -0.81 0.27
C SER D 37 -17.54 -1.15 0.64
N LYS D 38 -17.79 -1.68 1.83
CA LYS D 38 -19.14 -1.94 2.30
C LYS D 38 -19.81 -0.72 2.90
N GLY D 39 -19.11 0.41 2.98
CA GLY D 39 -19.70 1.65 3.44
C GLY D 39 -19.35 2.05 4.84
N LEU D 40 -18.49 1.31 5.55
CA LEU D 40 -18.08 1.76 6.87
C LEU D 40 -17.16 2.95 6.75
N SER D 41 -17.34 3.92 7.63
CA SER D 41 -16.37 4.98 7.74
C SER D 41 -15.11 4.47 8.42
N ALA D 42 -14.04 5.25 8.28
CA ALA D 42 -12.80 4.89 8.96
C ALA D 42 -13.01 4.74 10.46
N GLU D 43 -13.80 5.64 11.07
CA GLU D 43 -14.03 5.55 12.51
C GLU D 43 -14.82 4.29 12.87
N GLU D 44 -15.78 3.90 12.03
CA GLU D 44 -16.51 2.65 12.29
C GLU D 44 -15.60 1.44 12.13
N ILE D 45 -14.66 1.50 11.18
CA ILE D 45 -13.68 0.42 11.05
C ILE D 45 -12.83 0.34 12.31
N CYS D 46 -12.41 1.49 12.84
CA CYS D 46 -11.69 1.51 14.11
C CYS D 46 -12.50 0.84 15.21
N GLU D 47 -13.81 1.12 15.27
CA GLU D 47 -14.66 0.51 16.29
C GLU D 47 -14.73 -1.01 16.11
N ALA D 48 -14.91 -1.47 14.87
CA ALA D 48 -15.00 -2.90 14.64
C ALA D 48 -13.69 -3.60 15.03
N PHE D 49 -12.55 -3.03 14.66
CA PHE D 49 -11.29 -3.65 15.04
C PHE D 49 -11.09 -3.62 16.55
N THR D 50 -11.52 -2.53 17.21
CA THR D 50 -11.43 -2.47 18.66
C THR D 50 -12.20 -3.62 19.31
N LYS D 51 -13.40 -3.89 18.81
CA LYS D 51 -14.24 -4.94 19.38
C LYS D 51 -13.68 -6.34 19.19
N VAL D 52 -12.77 -6.56 18.24
CA VAL D 52 -12.11 -7.86 18.10
C VAL D 52 -10.73 -7.88 18.74
N GLY D 53 -10.42 -6.89 19.58
CA GLY D 53 -9.19 -6.86 20.33
C GLY D 53 -7.99 -6.28 19.62
N GLN D 54 -8.20 -5.60 18.49
CA GLN D 54 -7.10 -5.01 17.72
C GLN D 54 -7.42 -3.56 17.42
N PRO D 55 -7.39 -2.69 18.41
CA PRO D 55 -7.76 -1.29 18.17
C PRO D 55 -6.84 -0.67 17.12
N LYS D 56 -7.44 0.09 16.21
CA LYS D 56 -6.71 0.82 15.19
C LYS D 56 -6.98 2.31 15.31
N THR D 57 -5.96 3.12 15.06
CA THR D 57 -6.10 4.56 15.04
C THR D 57 -6.61 5.01 13.68
N LEU D 58 -7.20 6.21 13.68
CA LEU D 58 -7.67 6.80 12.43
C LEU D 58 -6.52 6.96 11.45
N ASN D 59 -5.35 7.35 11.93
CA ASN D 59 -4.21 7.57 11.03
C ASN D 59 -3.72 6.26 10.41
N GLU D 60 -3.78 5.15 11.16
CA GLU D 60 -3.47 3.85 10.58
C GLU D 60 -4.42 3.53 9.43
N ILE D 61 -5.71 3.76 9.65
CA ILE D 61 -6.70 3.46 8.62
C ILE D 61 -6.48 4.39 7.43
N LYS D 62 -6.20 5.65 7.68
CA LYS D 62 -5.91 6.58 6.59
C LYS D 62 -4.71 6.13 5.77
N ARG D 63 -3.64 5.68 6.45
CA ARG D 63 -2.48 5.19 5.72
C ARG D 63 -2.83 3.98 4.86
N ILE D 64 -3.59 3.04 5.42
CA ILE D 64 -3.93 1.82 4.69
C ILE D 64 -4.77 2.15 3.45
N LEU D 65 -5.69 3.10 3.58
CA LEU D 65 -6.60 3.45 2.50
C LEU D 65 -5.99 4.37 1.46
N SER D 66 -4.80 4.91 1.72
CA SER D 66 -4.16 5.82 0.76
C SER D 66 -3.52 5.05 -0.38
C1 PEG E . 3.98 12.42 -9.22
O1 PEG E . 3.35 11.51 -10.09
C2 PEG E . 3.47 12.29 -7.82
O2 PEG E . 4.18 13.16 -6.96
C3 PEG E . 3.50 13.40 -5.73
C4 PEG E . 3.94 12.39 -4.71
O4 PEG E . 3.34 11.12 -4.93
C1 PEG F . -10.11 3.86 -1.26
O1 PEG F . -10.60 4.48 -0.09
C2 PEG F . -9.24 2.67 -0.93
O2 PEG F . -10.01 1.69 -0.24
C3 PEG F . -11.13 1.22 -0.97
C4 PEG F . -11.25 -0.26 -0.80
O4 PEG F . -12.40 -0.79 -1.41
#